data_7WC7
#
_entry.id   7WC7
#
_cell.length_a   50.080
_cell.length_b   54.510
_cell.length_c   179.040
_cell.angle_alpha   90.000
_cell.angle_beta   90.000
_cell.angle_gamma   90.000
#
_symmetry.space_group_name_H-M   'P 21 2 21'
#
loop_
_entity.id
_entity.type
_entity.pdbx_description
1 polymer '5-hydroxytryptamine receptor 2A,5-hydroxytryptamine receptor 2A,Soluble cytochrome b562'
2 non-polymer 'MAGNESIUM ION'
3 non-polymer CHOLESTEROL
4 non-polymer 'PENTAETHYLENE GLYCOL'
5 non-polymer '(2R)-2,3-dihydroxypropyl (9Z)-octadec-9-enoate'
6 non-polymer DI(HYDROXYETHYL)ETHER
7 non-polymer "N,N-diethyl-N'-[(8alpha)-6-methyl-9,10-didehydroergolin-8-yl]urea"
8 water water
#
_entity_poly.entity_id   1
_entity_poly.type   'polypeptide(L)'
_entity_poly.pdbx_seq_one_letter_code
;SLLHLQEKNWSALLTAVVIILTIAGNILVIMAVSLEKKLQNATNYFLMSLAIADMLLGFLVMPVSMLTILYGYRWPLPSK
LCAVWIYLDVLFSTAKIWHLCAISLDRYVAIQNPIHHSRFNSRTKAFLKIIAVWTISVGISMPIPVFGLQDDSKVFKEGS
CLLADDNFVLIGSFVSFFIPLTIMVITYFLTIKSLQKEAADLEDNWETLNDNLKVIEKADNAAQVKDALTKMRAAALDAG
SGSGDILVGQIDDALKLANEGKVKEAQAAAEQLKTTINAYIQKYGQSISNEQKACKVLGIVFFLFVVMWCPFFITNIMAV
ICKESCNEDVIGALLNVFVWIGYLNSAVNPLVYTLFNKTYRSAFSRYIQCQYKENK
;
_entity_poly.pdbx_strand_id   A
#
# COMPACT_ATOMS: atom_id res chain seq x y z
N LEU A 5 -17.07 -37.33 1.17
CA LEU A 5 -17.61 -36.22 2.00
C LEU A 5 -17.39 -36.49 3.50
N GLN A 6 -17.23 -35.40 4.26
CA GLN A 6 -16.96 -35.35 5.73
C GLN A 6 -15.68 -36.13 6.09
N GLU A 7 -14.66 -36.15 5.23
CA GLU A 7 -13.32 -36.70 5.57
C GLU A 7 -12.63 -35.81 6.61
N LYS A 8 -12.79 -34.49 6.50
CA LYS A 8 -12.44 -33.53 7.57
C LYS A 8 -13.61 -32.56 7.75
N ASN A 9 -14.33 -32.63 8.86
CA ASN A 9 -15.48 -31.72 9.11
C ASN A 9 -15.14 -30.66 10.16
N TRP A 10 -14.05 -30.81 10.93
CA TRP A 10 -13.66 -29.86 12.02
C TRP A 10 -13.05 -28.60 11.43
N SER A 11 -12.38 -28.72 10.28
CA SER A 11 -11.56 -27.63 9.69
C SER A 11 -12.46 -26.57 9.04
N ALA A 12 -13.58 -26.97 8.45
CA ALA A 12 -14.41 -26.05 7.65
C ALA A 12 -15.24 -25.10 8.52
N LEU A 13 -15.31 -25.30 9.84
CA LEU A 13 -15.92 -24.28 10.74
C LEU A 13 -15.00 -23.06 10.79
N LEU A 14 -13.70 -23.29 10.93
CA LEU A 14 -12.72 -22.18 11.02
C LEU A 14 -12.69 -21.43 9.70
N THR A 15 -12.83 -22.11 8.57
CA THR A 15 -12.64 -21.47 7.25
C THR A 15 -13.83 -20.58 6.94
N ALA A 16 -15.00 -20.88 7.50
CA ALA A 16 -16.22 -20.06 7.32
C ALA A 16 -16.07 -18.72 8.07
N VAL A 17 -15.35 -18.73 9.18
CA VAL A 17 -15.08 -17.48 9.94
C VAL A 17 -14.24 -16.57 9.05
N VAL A 18 -13.19 -17.13 8.42
CA VAL A 18 -12.22 -16.38 7.56
C VAL A 18 -12.94 -15.89 6.30
N ILE A 19 -13.89 -16.66 5.77
CA ILE A 19 -14.70 -16.24 4.60
C ILE A 19 -15.56 -15.03 5.00
N ILE A 20 -16.15 -15.04 6.19
CA ILE A 20 -17.15 -13.98 6.54
C ILE A 20 -16.44 -12.68 6.90
N LEU A 21 -15.36 -12.74 7.68
CA LEU A 21 -14.54 -11.54 8.01
C LEU A 21 -13.97 -10.89 6.76
N THR A 22 -13.65 -11.69 5.75
CA THR A 22 -13.08 -11.20 4.48
C THR A 22 -14.13 -10.41 3.71
N ILE A 23 -15.28 -11.00 3.51
CA ILE A 23 -16.36 -10.37 2.70
C ILE A 23 -16.80 -9.08 3.39
N ALA A 24 -17.05 -9.14 4.70
CA ALA A 24 -17.72 -8.05 5.43
C ALA A 24 -16.76 -6.89 5.65
N GLY A 25 -15.52 -7.18 6.00
CA GLY A 25 -14.54 -6.12 6.23
C GLY A 25 -14.22 -5.40 4.93
N ASN A 26 -14.14 -6.14 3.84
CA ASN A 26 -13.72 -5.49 2.58
C ASN A 26 -14.90 -4.75 1.98
N ILE A 27 -16.11 -5.17 2.31
CA ILE A 27 -17.32 -4.39 1.94
C ILE A 27 -17.28 -3.05 2.71
N LEU A 28 -16.81 -3.06 3.95
CA LEU A 28 -16.71 -1.80 4.72
C LEU A 28 -15.64 -0.90 4.09
N VAL A 29 -14.55 -1.46 3.58
CA VAL A 29 -13.49 -0.62 2.93
C VAL A 29 -14.05 0.03 1.66
N ILE A 30 -14.67 -0.78 0.82
CA ILE A 30 -15.23 -0.38 -0.50
C ILE A 30 -16.27 0.72 -0.26
N MET A 31 -17.05 0.58 0.83
CA MET A 31 -18.08 1.60 1.20
C MET A 31 -17.39 2.88 1.66
N ALA A 32 -16.34 2.79 2.48
CA ALA A 32 -15.66 3.97 3.03
C ALA A 32 -15.00 4.78 1.91
N VAL A 33 -14.35 4.15 0.92
CA VAL A 33 -13.71 4.94 -0.19
C VAL A 33 -14.80 5.49 -1.13
N SER A 34 -15.89 4.75 -1.35
CA SER A 34 -17.02 5.24 -2.18
C SER A 34 -17.69 6.46 -1.51
N LEU A 35 -17.84 6.47 -0.19
CA LEU A 35 -18.75 7.44 0.45
C LEU A 35 -17.95 8.53 1.16
N GLU A 36 -16.96 8.18 1.97
CA GLU A 36 -16.25 9.17 2.82
C GLU A 36 -15.33 10.03 1.97
N LYS A 37 -15.58 11.33 1.94
CA LYS A 37 -14.89 12.23 1.00
C LYS A 37 -13.52 12.63 1.53
N LYS A 38 -13.21 12.36 2.79
CA LYS A 38 -11.82 12.54 3.27
C LYS A 38 -10.94 11.42 2.68
N LEU A 39 -11.53 10.31 2.23
CA LEU A 39 -10.78 9.17 1.61
C LEU A 39 -10.73 9.29 0.08
N GLN A 40 -10.95 10.48 -0.49
CA GLN A 40 -10.94 10.62 -1.97
C GLN A 40 -9.53 10.82 -2.51
N ASN A 41 -8.54 10.02 -2.17
CA ASN A 41 -7.20 10.20 -2.79
C ASN A 41 -6.78 8.90 -3.49
N ALA A 42 -5.68 8.98 -4.23
CA ALA A 42 -5.22 7.94 -5.16
C ALA A 42 -4.77 6.70 -4.40
N THR A 43 -4.20 6.83 -3.22
CA THR A 43 -3.79 5.66 -2.42
C THR A 43 -5.05 4.89 -2.01
N ASN A 44 -6.07 5.58 -1.53
CA ASN A 44 -7.31 4.92 -1.05
C ASN A 44 -8.08 4.31 -2.22
N TYR A 45 -8.00 4.94 -3.39
CA TYR A 45 -8.59 4.34 -4.61
C TYR A 45 -7.93 3.00 -4.94
N PHE A 46 -6.61 2.90 -4.77
CA PHE A 46 -5.91 1.59 -4.89
C PHE A 46 -6.35 0.63 -3.79
N LEU A 47 -6.52 1.13 -2.57
CA LEU A 47 -6.90 0.27 -1.41
C LEU A 47 -8.30 -0.31 -1.59
N MET A 48 -9.15 0.34 -2.38
CA MET A 48 -10.51 -0.16 -2.71
C MET A 48 -10.40 -1.27 -3.75
N SER A 49 -9.53 -1.10 -4.72
CA SER A 49 -9.35 -2.09 -5.79
C SER A 49 -8.79 -3.37 -5.18
N LEU A 50 -7.89 -3.21 -4.22
CA LEU A 50 -7.35 -4.32 -3.39
C LEU A 50 -8.50 -4.97 -2.62
N ALA A 51 -9.44 -4.17 -2.14
CA ALA A 51 -10.54 -4.66 -1.31
C ALA A 51 -11.54 -5.47 -2.16
N ILE A 52 -11.77 -5.09 -3.43
CA ILE A 52 -12.64 -5.84 -4.38
C ILE A 52 -11.98 -7.20 -4.69
N ALA A 53 -10.65 -7.20 -4.85
CA ALA A 53 -9.85 -8.43 -5.06
C ALA A 53 -10.00 -9.34 -3.84
N ASP A 54 -9.87 -8.76 -2.65
CA ASP A 54 -10.04 -9.51 -1.39
C ASP A 54 -11.47 -9.97 -1.25
N MET A 55 -12.43 -9.18 -1.68
CA MET A 55 -13.85 -9.60 -1.59
C MET A 55 -14.14 -10.75 -2.60
N LEU A 56 -13.70 -10.61 -3.83
CA LEU A 56 -13.94 -11.66 -4.85
C LEU A 56 -13.12 -12.90 -4.56
N LEU A 57 -12.02 -12.78 -3.85
CA LEU A 57 -11.32 -14.01 -3.39
C LEU A 57 -12.17 -14.67 -2.31
N GLY A 58 -12.78 -13.87 -1.43
CA GLY A 58 -13.67 -14.39 -0.37
C GLY A 58 -14.96 -14.96 -0.93
N PHE A 59 -15.48 -14.42 -2.03
CA PHE A 59 -16.74 -14.96 -2.57
C PHE A 59 -16.46 -16.19 -3.42
N LEU A 60 -15.46 -16.13 -4.27
CA LEU A 60 -15.40 -17.09 -5.39
C LEU A 60 -14.42 -18.22 -5.09
N VAL A 61 -13.30 -17.93 -4.48
CA VAL A 61 -12.23 -18.95 -4.33
C VAL A 61 -12.39 -19.70 -3.01
N MET A 62 -12.49 -18.95 -1.94
CA MET A 62 -12.47 -19.51 -0.57
C MET A 62 -13.63 -20.47 -0.24
N PRO A 63 -14.92 -20.25 -0.63
CA PRO A 63 -15.93 -21.29 -0.39
C PRO A 63 -15.68 -22.60 -1.14
N VAL A 64 -15.09 -22.51 -2.31
CA VAL A 64 -14.81 -23.71 -3.12
C VAL A 64 -13.67 -24.46 -2.45
N SER A 65 -12.78 -23.75 -1.78
CA SER A 65 -11.62 -24.38 -1.10
C SER A 65 -12.12 -25.18 0.11
N MET A 66 -12.97 -24.57 0.94
CA MET A 66 -13.65 -25.19 2.10
C MET A 66 -14.41 -26.45 1.66
N LEU A 67 -15.07 -26.36 0.51
CA LEU A 67 -15.81 -27.46 -0.10
C LEU A 67 -14.87 -28.63 -0.38
N THR A 68 -13.65 -28.35 -0.84
CA THR A 68 -12.67 -29.43 -1.09
C THR A 68 -12.20 -30.05 0.22
N ILE A 69 -12.09 -29.27 1.29
CA ILE A 69 -11.65 -29.81 2.62
C ILE A 69 -12.72 -30.77 3.14
N LEU A 70 -13.98 -30.44 2.88
CA LEU A 70 -15.14 -31.30 3.22
C LEU A 70 -15.15 -32.57 2.39
N TYR A 71 -14.50 -32.59 1.24
CA TYR A 71 -14.49 -33.83 0.43
C TYR A 71 -13.14 -34.53 0.52
N GLY A 72 -12.27 -34.19 1.45
CA GLY A 72 -10.97 -34.87 1.59
C GLY A 72 -10.03 -34.51 0.45
N TYR A 73 -10.07 -33.25 0.01
CA TYR A 73 -9.18 -32.64 -1.04
C TYR A 73 -9.36 -33.36 -2.37
N ARG A 74 -10.58 -33.77 -2.59
CA ARG A 74 -10.97 -34.66 -3.70
C ARG A 74 -12.01 -33.84 -4.40
N TRP A 75 -11.76 -33.47 -5.64
CA TRP A 75 -12.43 -32.32 -6.27
C TRP A 75 -13.91 -32.59 -6.52
N PRO A 76 -14.84 -31.85 -5.87
CA PRO A 76 -16.25 -32.21 -5.88
C PRO A 76 -17.12 -31.64 -7.01
N LEU A 77 -16.52 -31.00 -8.01
CA LEU A 77 -17.26 -30.15 -8.96
C LEU A 77 -17.00 -30.70 -10.34
N PRO A 78 -17.70 -30.25 -11.40
CA PRO A 78 -17.23 -30.45 -12.77
C PRO A 78 -15.76 -30.08 -13.00
N SER A 79 -15.14 -30.90 -13.83
CA SER A 79 -13.67 -31.02 -13.85
C SER A 79 -13.06 -29.83 -14.56
N LYS A 80 -13.81 -29.22 -15.49
CA LYS A 80 -13.35 -28.03 -16.21
C LYS A 80 -13.58 -26.76 -15.37
N LEU A 81 -14.16 -26.87 -14.16
CA LEU A 81 -14.18 -25.72 -13.23
C LEU A 81 -12.89 -25.66 -12.40
N CYS A 82 -12.06 -26.70 -12.43
CA CYS A 82 -10.83 -26.74 -11.61
C CYS A 82 -9.86 -25.65 -12.06
N ALA A 83 -9.58 -25.62 -13.37
CA ALA A 83 -8.68 -24.63 -14.00
C ALA A 83 -9.24 -23.21 -13.86
N VAL A 84 -10.55 -23.08 -13.82
CA VAL A 84 -11.18 -21.75 -13.64
C VAL A 84 -10.93 -21.28 -12.20
N TRP A 85 -11.15 -22.15 -11.24
CA TRP A 85 -10.92 -21.84 -9.81
C TRP A 85 -9.44 -21.57 -9.54
N ILE A 86 -8.53 -22.26 -10.22
CA ILE A 86 -7.08 -21.92 -10.08
C ILE A 86 -6.86 -20.54 -10.67
N TYR A 87 -7.49 -20.24 -11.81
CA TYR A 87 -7.31 -18.96 -12.50
C TYR A 87 -7.86 -17.83 -11.65
N LEU A 88 -8.99 -18.02 -10.98
CA LEU A 88 -9.56 -16.92 -10.15
C LEU A 88 -8.61 -16.59 -9.02
N ASP A 89 -8.15 -17.62 -8.33
CA ASP A 89 -7.25 -17.52 -7.15
C ASP A 89 -5.94 -16.86 -7.57
N VAL A 90 -5.34 -17.32 -8.65
CA VAL A 90 -4.07 -16.71 -9.15
C VAL A 90 -4.34 -15.29 -9.64
N LEU A 91 -5.49 -14.99 -10.25
CA LEU A 91 -5.77 -13.61 -10.76
C LEU A 91 -5.92 -12.61 -9.60
N PHE A 92 -6.66 -12.97 -8.55
CA PHE A 92 -6.93 -12.04 -7.42
C PHE A 92 -5.63 -11.81 -6.64
N SER A 93 -4.80 -12.83 -6.56
CA SER A 93 -3.52 -12.78 -5.82
C SER A 93 -2.48 -12.03 -6.62
N THR A 94 -2.46 -12.19 -7.94
CA THR A 94 -1.55 -11.38 -8.77
C THR A 94 -1.98 -9.92 -8.72
N ALA A 95 -3.29 -9.67 -8.74
CA ALA A 95 -3.81 -8.29 -8.71
C ALA A 95 -3.45 -7.64 -7.38
N LYS A 96 -3.53 -8.39 -6.28
CA LYS A 96 -3.26 -7.82 -4.95
C LYS A 96 -1.81 -7.36 -4.84
N ILE A 97 -0.86 -8.21 -5.22
CA ILE A 97 0.57 -7.89 -5.00
C ILE A 97 1.01 -6.75 -5.92
N TRP A 98 0.55 -6.70 -7.16
CA TRP A 98 0.94 -5.59 -8.07
C TRP A 98 0.21 -4.30 -7.69
N HIS A 99 -0.94 -4.40 -7.02
CA HIS A 99 -1.55 -3.21 -6.40
C HIS A 99 -0.60 -2.65 -5.33
N LEU A 100 -0.10 -3.50 -4.45
CA LEU A 100 0.76 -3.00 -3.35
C LEU A 100 2.04 -2.42 -3.93
N CYS A 101 2.52 -3.02 -4.99
CA CYS A 101 3.70 -2.49 -5.72
C CYS A 101 3.39 -1.17 -6.44
N ALA A 102 2.22 -1.03 -7.06
CA ALA A 102 1.79 0.23 -7.68
C ALA A 102 1.61 1.31 -6.62
N ILE A 103 1.08 0.98 -5.43
CA ILE A 103 0.90 1.96 -4.33
C ILE A 103 2.27 2.50 -3.94
N SER A 104 3.21 1.59 -3.73
CA SER A 104 4.56 1.89 -3.21
C SER A 104 5.28 2.76 -4.24
N LEU A 105 5.15 2.40 -5.53
CA LEU A 105 5.85 3.11 -6.60
C LEU A 105 5.24 4.49 -6.80
N ASP A 106 3.91 4.58 -6.84
CA ASP A 106 3.19 5.84 -7.10
C ASP A 106 3.38 6.81 -5.92
N ARG A 107 3.58 6.28 -4.73
CA ARG A 107 3.78 7.17 -3.59
C ARG A 107 5.23 7.64 -3.51
N TYR A 108 6.17 6.90 -4.04
CA TYR A 108 7.59 7.31 -4.09
C TYR A 108 7.73 8.44 -5.10
N VAL A 109 7.09 8.29 -6.25
CA VAL A 109 7.14 9.23 -7.41
C VAL A 109 6.50 10.55 -6.98
N ALA A 110 5.50 10.47 -6.09
CA ALA A 110 4.78 11.63 -5.53
C ALA A 110 5.73 12.47 -4.68
N ILE A 111 6.68 11.85 -3.98
CA ILE A 111 7.64 12.63 -3.14
C ILE A 111 8.79 13.16 -4.02
N GLN A 112 8.98 12.65 -5.24
CA GLN A 112 9.84 13.29 -6.29
C GLN A 112 8.99 14.00 -7.36
N ASN A 113 7.97 14.77 -6.97
CA ASN A 113 7.08 15.49 -7.92
C ASN A 113 6.64 16.79 -7.27
N PRO A 114 5.87 17.69 -7.94
CA PRO A 114 4.97 18.55 -7.20
C PRO A 114 3.88 17.74 -6.46
N SER A 122 -6.17 13.33 -10.14
CA SER A 122 -7.44 12.91 -10.81
C SER A 122 -7.79 11.48 -10.39
N ARG A 123 -9.07 11.23 -10.16
CA ARG A 123 -9.58 9.86 -9.95
C ARG A 123 -9.40 9.05 -11.26
N THR A 124 -9.58 9.69 -12.40
CA THR A 124 -9.45 9.09 -13.75
C THR A 124 -8.01 8.61 -13.96
N LYS A 125 -7.04 9.34 -13.45
CA LYS A 125 -5.63 8.91 -13.57
C LYS A 125 -5.33 7.75 -12.62
N ALA A 126 -5.91 7.75 -11.42
CA ALA A 126 -5.82 6.58 -10.52
C ALA A 126 -6.53 5.40 -11.19
N PHE A 127 -7.69 5.66 -11.79
CA PHE A 127 -8.56 4.57 -12.26
C PHE A 127 -7.95 3.94 -13.52
N LEU A 128 -7.25 4.73 -14.33
CA LEU A 128 -6.50 4.16 -15.48
C LEU A 128 -5.39 3.26 -14.98
N LYS A 129 -4.73 3.62 -13.89
CA LYS A 129 -3.59 2.79 -13.38
C LYS A 129 -4.13 1.49 -12.79
N ILE A 130 -5.26 1.55 -12.10
CA ILE A 130 -5.86 0.35 -11.46
C ILE A 130 -6.19 -0.65 -12.55
N ILE A 131 -6.78 -0.17 -13.63
CA ILE A 131 -7.21 -0.97 -14.81
C ILE A 131 -5.97 -1.62 -15.44
N ALA A 132 -4.88 -0.89 -15.54
CA ALA A 132 -3.58 -1.39 -16.03
C ALA A 132 -3.11 -2.56 -15.17
N VAL A 133 -3.13 -2.41 -13.85
CA VAL A 133 -2.72 -3.51 -12.91
C VAL A 133 -3.63 -4.73 -13.12
N TRP A 134 -4.94 -4.53 -13.23
CA TRP A 134 -5.91 -5.63 -13.46
C TRP A 134 -5.69 -6.25 -14.84
N THR A 135 -5.41 -5.44 -15.86
CA THR A 135 -5.20 -6.03 -17.22
C THR A 135 -3.83 -6.66 -17.35
N ILE A 136 -2.82 -6.20 -16.62
CA ILE A 136 -1.56 -6.95 -16.51
C ILE A 136 -1.87 -8.30 -15.83
N SER A 137 -2.66 -8.30 -14.76
CA SER A 137 -2.87 -9.51 -13.93
C SER A 137 -3.65 -10.59 -14.70
N VAL A 138 -4.62 -10.19 -15.48
CA VAL A 138 -5.38 -11.09 -16.39
C VAL A 138 -4.40 -11.73 -17.40
N GLY A 139 -3.47 -10.96 -17.99
CA GLY A 139 -2.50 -11.51 -18.95
C GLY A 139 -1.47 -12.40 -18.30
N ILE A 140 -1.08 -12.13 -17.05
CA ILE A 140 -0.16 -13.01 -16.30
C ILE A 140 -0.84 -14.36 -16.05
N SER A 141 -2.11 -14.34 -15.69
CA SER A 141 -2.83 -15.53 -15.18
C SER A 141 -3.33 -16.40 -16.34
N MET A 142 -3.26 -15.83 -17.55
CA MET A 142 -3.89 -16.33 -18.79
C MET A 142 -3.48 -17.75 -19.19
N PRO A 143 -2.20 -18.23 -19.13
CA PRO A 143 -1.94 -19.62 -19.47
C PRO A 143 -2.66 -20.71 -18.65
N ILE A 144 -3.07 -20.40 -17.42
CA ILE A 144 -3.70 -21.37 -16.49
C ILE A 144 -5.02 -21.92 -17.07
N PRO A 145 -6.04 -21.17 -17.56
CA PRO A 145 -7.09 -21.86 -18.30
C PRO A 145 -6.66 -22.28 -19.71
N VAL A 146 -5.78 -21.51 -20.40
CA VAL A 146 -5.50 -21.71 -21.85
C VAL A 146 -4.80 -23.05 -22.03
N PHE A 147 -3.89 -23.39 -21.11
CA PHE A 147 -3.22 -24.71 -21.11
C PHE A 147 -3.93 -25.70 -20.19
N GLY A 148 -4.40 -25.27 -19.02
CA GLY A 148 -4.91 -26.23 -18.02
C GLY A 148 -6.23 -26.86 -18.41
N LEU A 149 -7.07 -26.14 -19.15
CA LEU A 149 -8.33 -26.74 -19.64
C LEU A 149 -8.04 -27.76 -20.72
N GLN A 150 -6.97 -27.60 -21.50
CA GLN A 150 -6.67 -28.56 -22.59
C GLN A 150 -6.04 -29.83 -22.04
N ASP A 151 -5.48 -29.78 -20.82
CA ASP A 151 -4.73 -30.92 -20.23
C ASP A 151 -4.95 -30.94 -18.73
N ASP A 152 -5.74 -31.88 -18.26
CA ASP A 152 -6.16 -31.99 -16.84
C ASP A 152 -4.98 -32.33 -15.94
N SER A 153 -3.88 -32.82 -16.51
CA SER A 153 -2.68 -33.19 -15.75
C SER A 153 -1.91 -31.95 -15.29
N LYS A 154 -2.14 -30.79 -15.90
CA LYS A 154 -1.55 -29.54 -15.38
C LYS A 154 -2.32 -28.96 -14.19
N VAL A 155 -3.56 -29.37 -13.95
CA VAL A 155 -4.40 -28.84 -12.83
C VAL A 155 -4.91 -29.96 -11.90
N PHE A 156 -4.57 -31.23 -12.11
CA PHE A 156 -5.05 -32.30 -11.21
C PHE A 156 -3.92 -33.21 -10.76
N LYS A 157 -3.95 -33.52 -9.47
CA LYS A 157 -2.99 -34.43 -8.80
C LYS A 157 -3.84 -35.37 -7.94
N GLU A 158 -4.08 -36.58 -8.43
CA GLU A 158 -4.79 -37.68 -7.72
C GLU A 158 -6.21 -37.28 -7.38
N GLY A 159 -6.90 -36.68 -8.36
CA GLY A 159 -8.25 -36.15 -8.13
C GLY A 159 -8.29 -34.85 -7.34
N SER A 160 -7.18 -34.30 -6.82
CA SER A 160 -7.17 -32.96 -6.18
C SER A 160 -7.01 -31.91 -7.27
N CYS A 161 -7.84 -30.89 -7.23
CA CYS A 161 -7.60 -29.70 -8.05
C CYS A 161 -6.57 -28.83 -7.31
N LEU A 162 -5.45 -28.61 -7.99
CA LEU A 162 -4.28 -27.84 -7.53
C LEU A 162 -3.38 -27.66 -8.73
N LEU A 163 -2.62 -26.58 -8.76
CA LEU A 163 -1.77 -26.30 -9.94
C LEU A 163 -0.61 -27.29 -9.92
N ALA A 164 -0.70 -28.31 -10.78
CA ALA A 164 0.25 -29.44 -10.83
C ALA A 164 1.51 -29.08 -11.66
N ASP A 165 1.41 -28.20 -12.65
CA ASP A 165 2.52 -27.99 -13.61
C ASP A 165 3.65 -27.23 -12.92
N ASP A 166 4.82 -27.84 -12.90
CA ASP A 166 5.97 -27.33 -12.11
C ASP A 166 6.49 -26.03 -12.71
N ASN A 167 6.45 -25.88 -14.02
CA ASN A 167 6.93 -24.63 -14.66
C ASN A 167 5.92 -23.53 -14.42
N PHE A 168 4.65 -23.84 -14.28
CA PHE A 168 3.67 -22.80 -13.93
C PHE A 168 3.95 -22.35 -12.50
N VAL A 169 4.32 -23.25 -11.61
CA VAL A 169 4.58 -22.84 -10.21
C VAL A 169 5.84 -21.96 -10.11
N LEU A 170 6.90 -22.30 -10.81
CA LEU A 170 8.14 -21.51 -10.72
C LEU A 170 7.98 -20.15 -11.39
N ILE A 171 7.48 -20.11 -12.64
CA ILE A 171 7.20 -18.82 -13.34
C ILE A 171 6.21 -18.03 -12.51
N GLY A 172 5.17 -18.67 -12.04
CA GLY A 172 4.12 -18.00 -11.29
C GLY A 172 4.58 -17.52 -9.91
N SER A 173 5.50 -18.21 -9.26
CA SER A 173 5.94 -17.76 -7.92
C SER A 173 6.76 -16.47 -8.08
N PHE A 174 7.48 -16.28 -9.19
CA PHE A 174 8.33 -15.07 -9.25
C PHE A 174 7.50 -13.91 -9.80
N VAL A 175 6.86 -14.10 -10.94
CA VAL A 175 6.13 -13.00 -11.60
C VAL A 175 4.83 -12.66 -10.85
N SER A 176 4.37 -13.48 -9.91
CA SER A 176 3.19 -13.10 -9.09
C SER A 176 3.52 -13.07 -7.60
N PHE A 177 4.74 -13.32 -7.18
CA PHE A 177 4.99 -13.02 -5.77
C PHE A 177 6.33 -12.32 -5.56
N PHE A 178 7.41 -12.78 -6.18
CA PHE A 178 8.76 -12.34 -5.73
C PHE A 178 9.24 -11.09 -6.49
N ILE A 179 9.12 -10.99 -7.82
CA ILE A 179 9.53 -9.72 -8.52
C ILE A 179 8.63 -8.51 -8.18
N PRO A 180 7.31 -8.59 -7.90
CA PRO A 180 6.58 -7.39 -7.48
C PRO A 180 7.02 -7.04 -6.06
N LEU A 181 7.31 -8.03 -5.21
CA LEU A 181 7.74 -7.84 -3.79
C LEU A 181 9.04 -7.08 -3.76
N THR A 182 9.98 -7.47 -4.64
CA THR A 182 11.32 -6.84 -4.70
C THR A 182 11.13 -5.35 -5.02
N ILE A 183 10.38 -5.04 -6.04
CA ILE A 183 10.18 -3.63 -6.44
C ILE A 183 9.50 -2.89 -5.29
N MET A 184 8.51 -3.54 -4.65
CA MET A 184 7.74 -2.94 -3.53
C MET A 184 8.63 -2.69 -2.32
N VAL A 185 9.55 -3.57 -1.97
CA VAL A 185 10.41 -3.37 -0.77
C VAL A 185 11.52 -2.34 -1.06
N ILE A 186 12.01 -2.25 -2.29
CA ILE A 186 12.99 -1.18 -2.66
C ILE A 186 12.29 0.19 -2.62
N THR A 187 11.12 0.31 -3.25
CA THR A 187 10.42 1.63 -3.34
C THR A 187 10.02 2.09 -1.94
N TYR A 188 9.58 1.18 -1.08
CA TYR A 188 9.20 1.53 0.32
C TYR A 188 10.39 2.09 1.08
N PHE A 189 11.56 1.45 0.98
CA PHE A 189 12.80 1.90 1.66
C PHE A 189 13.19 3.29 1.14
N LEU A 190 13.16 3.48 -0.17
CA LEU A 190 13.55 4.75 -0.78
C LEU A 190 12.56 5.83 -0.37
N THR A 191 11.28 5.50 -0.29
CA THR A 191 10.23 6.45 0.14
C THR A 191 10.58 6.89 1.56
N ILE A 192 10.92 5.93 2.43
CA ILE A 192 11.24 6.27 3.83
C ILE A 192 12.46 7.19 3.87
N LYS A 193 13.47 6.90 3.06
CA LYS A 193 14.70 7.76 3.01
C LYS A 193 14.35 9.16 2.50
N SER A 194 13.48 9.27 1.48
CA SER A 194 13.10 10.59 0.91
C SER A 194 12.46 11.46 1.99
N LEU A 195 11.55 10.89 2.77
CA LEU A 195 10.86 11.62 3.85
C LEU A 195 11.88 12.02 4.92
N GLN A 196 12.82 11.14 5.23
CA GLN A 196 13.90 11.49 6.18
C GLN A 196 14.76 12.63 5.61
N LYS A 197 15.08 12.64 4.31
CA LYS A 197 15.80 13.77 3.67
C LYS A 197 14.96 15.06 3.77
N GLU A 198 13.60 15.03 3.56
CA GLU A 198 12.68 16.22 3.50
C GLU A 198 12.40 16.77 4.90
N ALA A 199 12.23 15.93 5.93
CA ALA A 199 12.17 16.36 7.35
C ALA A 199 13.52 16.98 7.71
N ALA A 200 14.63 16.49 7.17
CA ALA A 200 15.99 16.97 7.48
C ALA A 200 16.26 18.31 6.80
N ASP A 201 15.94 18.43 5.52
CA ASP A 201 16.25 19.70 4.79
C ASP A 201 15.41 20.84 5.39
N LEU A 202 14.22 20.55 5.88
CA LEU A 202 13.31 21.55 6.48
C LEU A 202 13.95 22.09 7.74
N GLU A 203 14.46 21.19 8.58
CA GLU A 203 15.09 21.59 9.86
C GLU A 203 16.29 22.48 9.55
N ASP A 204 17.01 22.18 8.46
CA ASP A 204 18.18 23.00 8.03
C ASP A 204 17.68 24.39 7.67
N ASN A 205 16.59 24.48 6.92
CA ASN A 205 16.04 25.79 6.47
C ASN A 205 15.53 26.59 7.68
N TRP A 206 14.90 25.90 8.63
CA TRP A 206 14.44 26.51 9.91
C TRP A 206 15.62 27.16 10.63
N GLU A 207 16.71 26.41 10.84
CA GLU A 207 17.88 26.93 11.59
C GLU A 207 18.41 28.17 10.86
N THR A 208 18.51 28.12 9.53
CA THR A 208 19.02 29.26 8.73
C THR A 208 18.13 30.48 8.98
N LEU A 209 16.84 30.32 8.79
CA LEU A 209 15.90 31.44 8.98
C LEU A 209 15.97 31.95 10.43
N ASN A 210 15.93 31.06 11.41
CA ASN A 210 15.93 31.48 12.83
C ASN A 210 17.24 32.20 13.14
N ASP A 211 18.37 31.67 12.68
CA ASP A 211 19.71 32.27 12.95
C ASP A 211 19.75 33.69 12.37
N ASN A 212 19.28 33.87 11.13
CA ASN A 212 19.40 35.18 10.45
C ASN A 212 18.44 36.19 11.09
N LEU A 213 17.27 35.75 11.58
CA LEU A 213 16.34 36.64 12.31
C LEU A 213 17.02 37.18 13.56
N LYS A 214 17.73 36.34 14.29
CA LYS A 214 18.49 36.80 15.48
C LYS A 214 19.62 37.74 15.05
N VAL A 215 20.23 37.52 13.88
CA VAL A 215 21.28 38.42 13.35
C VAL A 215 20.65 39.80 13.09
N ILE A 216 19.50 39.82 12.44
CA ILE A 216 18.85 41.11 12.06
C ILE A 216 18.49 41.86 13.35
N GLU A 217 17.99 41.15 14.38
CA GLU A 217 17.50 41.81 15.63
C GLU A 217 18.67 42.48 16.36
N LYS A 218 19.88 41.95 16.26
CA LYS A 218 21.09 42.58 16.87
C LYS A 218 21.78 43.54 15.90
N ALA A 219 21.37 43.60 14.63
CA ALA A 219 22.15 44.34 13.61
C ALA A 219 22.22 45.84 13.93
N ASP A 220 23.35 46.48 13.60
CA ASP A 220 23.56 47.93 13.78
C ASP A 220 23.74 48.62 12.42
N ASN A 221 23.97 47.87 11.35
CA ASN A 221 24.26 48.46 10.01
C ASN A 221 23.42 47.76 8.94
N ALA A 222 23.20 48.46 7.85
CA ALA A 222 22.36 47.99 6.76
C ALA A 222 22.95 46.75 6.11
N ALA A 223 24.27 46.67 6.00
CA ALA A 223 24.96 45.56 5.31
C ALA A 223 24.64 44.23 5.99
N GLN A 224 24.64 44.22 7.33
CA GLN A 224 24.33 43.01 8.12
C GLN A 224 22.91 42.55 7.81
N VAL A 225 21.96 43.48 7.79
CA VAL A 225 20.53 43.13 7.55
C VAL A 225 20.42 42.57 6.13
N LYS A 226 21.07 43.20 5.15
CA LYS A 226 20.89 42.82 3.73
C LYS A 226 21.43 41.39 3.54
N ASP A 227 22.62 41.12 4.08
CA ASP A 227 23.27 39.79 3.94
C ASP A 227 22.34 38.74 4.56
N ALA A 228 21.79 39.02 5.75
CA ALA A 228 20.93 38.07 6.48
C ALA A 228 19.68 37.77 5.66
N LEU A 229 19.05 38.80 5.10
CA LEU A 229 17.81 38.64 4.30
C LEU A 229 18.12 37.85 3.03
N THR A 230 19.29 38.06 2.42
CA THR A 230 19.70 37.32 1.19
C THR A 230 19.77 35.82 1.53
N LYS A 231 20.36 35.49 2.68
CA LYS A 231 20.49 34.09 3.13
C LYS A 231 19.11 33.52 3.50
N MET A 232 18.24 34.32 4.13
CA MET A 232 16.85 33.91 4.44
C MET A 232 16.04 33.65 3.17
N ARG A 233 16.25 34.47 2.13
CA ARG A 233 15.50 34.35 0.85
C ARG A 233 15.85 33.01 0.22
N ALA A 234 17.15 32.70 0.22
CA ALA A 234 17.67 31.43 -0.35
C ALA A 234 17.03 30.23 0.37
N ALA A 235 16.94 30.29 1.70
CA ALA A 235 16.39 29.18 2.50
C ALA A 235 14.92 28.98 2.14
N ALA A 236 14.14 30.06 2.03
CA ALA A 236 12.72 29.99 1.62
C ALA A 236 12.60 29.42 0.19
N LEU A 237 13.49 29.86 -0.72
CA LEU A 237 13.51 29.39 -2.12
C LEU A 237 13.81 27.88 -2.16
N ASP A 238 14.75 27.42 -1.35
CA ASP A 238 15.08 25.96 -1.25
C ASP A 238 13.83 25.21 -0.79
N ALA A 239 13.14 25.69 0.25
CA ALA A 239 11.94 25.01 0.79
C ALA A 239 10.87 24.98 -0.30
N ASP A 245 6.70 32.47 -3.50
CA ASP A 245 5.97 32.29 -2.21
C ASP A 245 5.78 33.68 -1.59
N ILE A 246 4.82 33.79 -0.67
CA ILE A 246 4.51 35.05 0.05
C ILE A 246 5.73 35.46 0.88
N LEU A 247 6.38 34.48 1.52
CA LEU A 247 7.55 34.74 2.37
C LEU A 247 8.64 35.40 1.54
N VAL A 248 8.88 34.90 0.34
CA VAL A 248 9.98 35.43 -0.53
C VAL A 248 9.71 36.91 -0.83
N GLY A 249 8.48 37.24 -1.21
CA GLY A 249 8.11 38.64 -1.50
C GLY A 249 8.28 39.52 -0.28
N GLN A 250 7.85 39.04 0.89
CA GLN A 250 7.98 39.79 2.16
C GLN A 250 9.46 40.02 2.47
N ILE A 251 10.30 39.01 2.22
CA ILE A 251 11.77 39.14 2.40
C ILE A 251 12.27 40.22 1.44
N ASP A 252 11.81 40.21 0.19
CA ASP A 252 12.23 41.19 -0.85
C ASP A 252 11.81 42.59 -0.42
N ASP A 253 10.63 42.73 0.21
CA ASP A 253 10.14 44.03 0.73
C ASP A 253 11.12 44.51 1.82
N ALA A 254 11.53 43.63 2.72
CA ALA A 254 12.52 44.00 3.76
C ALA A 254 13.87 44.33 3.08
N LEU A 255 14.23 43.63 2.01
CA LEU A 255 15.53 43.80 1.31
C LEU A 255 15.64 45.23 0.74
N LYS A 256 14.55 45.75 0.18
CA LYS A 256 14.56 47.10 -0.44
C LYS A 256 14.83 48.15 0.65
N LEU A 257 14.24 48.02 1.83
CA LEU A 257 14.51 48.92 2.98
C LEU A 257 16.00 48.81 3.36
N ALA A 258 16.52 47.58 3.38
CA ALA A 258 17.92 47.34 3.77
C ALA A 258 18.84 47.98 2.73
N ASN A 259 18.50 47.87 1.44
CA ASN A 259 19.31 48.48 0.36
C ASN A 259 19.19 50.00 0.46
N GLU A 260 18.08 50.51 0.99
CA GLU A 260 17.83 51.98 1.12
C GLU A 260 18.43 52.52 2.42
N GLY A 261 19.03 51.67 3.25
CA GLY A 261 19.65 52.09 4.52
C GLY A 261 18.64 52.22 5.63
N LYS A 262 17.42 51.72 5.44
CA LYS A 262 16.35 51.78 6.48
C LYS A 262 16.51 50.55 7.38
N VAL A 263 17.51 50.57 8.24
CA VAL A 263 17.88 49.42 9.11
C VAL A 263 16.72 49.14 10.08
N LYS A 264 16.24 50.16 10.78
CA LYS A 264 15.22 49.98 11.84
C LYS A 264 13.91 49.47 11.22
N GLU A 265 13.59 49.97 10.02
CA GLU A 265 12.36 49.57 9.29
C GLU A 265 12.47 48.11 8.89
N ALA A 266 13.63 47.71 8.39
CA ALA A 266 13.87 46.32 7.96
C ALA A 266 13.75 45.40 9.17
N GLN A 267 14.30 45.81 10.32
CA GLN A 267 14.24 45.00 11.57
C GLN A 267 12.79 44.78 11.98
N ALA A 268 11.94 45.81 11.91
CA ALA A 268 10.49 45.69 12.22
C ALA A 268 9.80 44.76 11.21
N ALA A 269 10.17 44.85 9.94
CA ALA A 269 9.59 43.98 8.90
C ALA A 269 9.98 42.53 9.18
N ALA A 270 11.19 42.30 9.69
CA ALA A 270 11.69 40.94 9.98
C ALA A 270 10.93 40.33 11.17
N GLU A 271 10.57 41.10 12.20
CA GLU A 271 9.81 40.50 13.33
C GLU A 271 8.42 40.09 12.80
N GLN A 272 7.92 40.74 11.75
CA GLN A 272 6.63 40.35 11.12
C GLN A 272 6.84 39.11 10.25
N LEU A 273 7.97 39.02 9.53
CA LEU A 273 8.30 37.80 8.72
C LEU A 273 8.19 36.56 9.62
N LYS A 274 8.53 36.67 10.91
CA LYS A 274 8.62 35.52 11.84
C LYS A 274 7.29 34.74 11.91
N THR A 275 6.18 35.44 12.00
CA THR A 275 4.86 34.78 12.12
C THR A 275 4.60 33.96 10.85
N THR A 276 4.91 34.51 9.68
CA THR A 276 4.73 33.82 8.37
C THR A 276 5.62 32.57 8.35
N ILE A 277 6.86 32.68 8.82
CA ILE A 277 7.81 31.53 8.80
C ILE A 277 7.18 30.44 9.64
N ASN A 278 6.67 30.80 10.82
CA ASN A 278 6.12 29.79 11.75
C ASN A 278 4.97 29.06 11.05
N ALA A 279 4.09 29.79 10.39
CA ALA A 279 2.95 29.18 9.70
C ALA A 279 3.42 28.21 8.62
N TYR A 280 4.33 28.64 7.73
CA TYR A 280 4.77 27.80 6.59
C TYR A 280 5.54 26.57 7.09
N ILE A 281 6.41 26.74 8.09
CA ILE A 281 7.27 25.63 8.60
C ILE A 281 6.34 24.59 9.20
N GLN A 282 5.39 25.02 10.01
CA GLN A 282 4.53 24.05 10.73
C GLN A 282 3.64 23.31 9.72
N LYS A 283 3.20 23.97 8.66
CA LYS A 283 2.31 23.34 7.65
C LYS A 283 3.09 22.30 6.85
N TYR A 284 4.21 22.69 6.25
CA TYR A 284 5.00 21.77 5.38
C TYR A 284 5.49 20.64 6.30
N GLY A 285 5.66 20.98 7.57
CA GLY A 285 6.17 20.06 8.59
C GLY A 285 5.09 19.21 9.20
N GLN A 286 3.83 19.67 9.22
CA GLN A 286 2.68 18.81 9.61
C GLN A 286 2.50 17.77 8.51
N SER A 287 2.60 18.21 7.26
CA SER A 287 2.36 17.36 6.06
C SER A 287 3.51 16.34 5.84
N ILE A 288 4.75 16.53 6.41
CA ILE A 288 5.86 15.49 6.42
C ILE A 288 5.51 14.39 7.47
N SER A 289 5.01 14.76 8.66
CA SER A 289 4.63 13.79 9.71
C SER A 289 3.44 12.93 9.24
N ASN A 290 2.54 13.51 8.44
CA ASN A 290 1.35 12.80 7.92
C ASN A 290 1.74 11.77 6.86
N GLU A 291 2.65 12.13 5.95
CA GLU A 291 3.18 11.17 4.96
C GLU A 291 3.93 10.04 5.65
N GLN A 292 4.66 10.32 6.74
CA GLN A 292 5.34 9.23 7.49
C GLN A 292 4.31 8.40 8.26
N LYS A 293 3.20 9.02 8.69
CA LYS A 293 2.08 8.28 9.32
C LYS A 293 1.52 7.28 8.29
N ALA A 294 1.28 7.75 7.06
CA ALA A 294 0.60 7.00 5.99
C ALA A 294 1.50 5.88 5.47
N CYS A 295 2.78 6.18 5.34
CA CYS A 295 3.83 5.24 4.89
C CYS A 295 3.91 4.07 5.88
N LYS A 296 3.75 4.36 7.17
CA LYS A 296 3.84 3.37 8.26
C LYS A 296 2.64 2.42 8.17
N VAL A 297 1.46 2.91 7.82
CA VAL A 297 0.28 2.02 7.72
C VAL A 297 0.42 1.11 6.50
N LEU A 298 0.85 1.66 5.37
CA LEU A 298 1.08 0.86 4.15
C LEU A 298 2.20 -0.14 4.37
N GLY A 299 3.18 0.19 5.20
CA GLY A 299 4.24 -0.75 5.57
C GLY A 299 3.72 -1.97 6.28
N ILE A 300 2.74 -1.82 7.17
CA ILE A 300 2.08 -2.94 7.89
C ILE A 300 1.27 -3.79 6.90
N VAL A 301 0.57 -3.16 5.95
CA VAL A 301 -0.17 -3.89 4.89
C VAL A 301 0.82 -4.69 4.02
N PHE A 302 1.94 -4.06 3.64
CA PHE A 302 2.99 -4.68 2.79
C PHE A 302 3.59 -5.87 3.55
N PHE A 303 3.95 -5.64 4.81
CA PHE A 303 4.56 -6.65 5.71
C PHE A 303 3.62 -7.85 5.92
N LEU A 304 2.35 -7.59 6.22
CA LEU A 304 1.41 -8.67 6.54
C LEU A 304 1.12 -9.51 5.32
N PHE A 305 1.12 -8.93 4.11
CA PHE A 305 0.94 -9.71 2.87
C PHE A 305 2.11 -10.71 2.73
N VAL A 306 3.34 -10.23 2.91
CA VAL A 306 4.57 -11.05 2.67
C VAL A 306 4.65 -12.16 3.71
N VAL A 307 4.59 -11.80 4.99
CA VAL A 307 4.82 -12.74 6.12
C VAL A 307 3.71 -13.80 6.18
N MET A 308 2.48 -13.45 5.90
CA MET A 308 1.43 -14.49 5.93
C MET A 308 1.43 -15.34 4.65
N TRP A 309 1.97 -14.85 3.55
CA TRP A 309 1.99 -15.66 2.32
C TRP A 309 3.31 -16.39 2.15
N CYS A 310 4.34 -15.99 2.87
CA CYS A 310 5.68 -16.66 2.81
C CYS A 310 5.62 -18.16 3.07
N PRO A 311 4.92 -18.73 4.09
CA PRO A 311 4.95 -20.18 4.23
C PRO A 311 4.32 -20.94 3.06
N PHE A 312 3.31 -20.38 2.38
CA PHE A 312 2.77 -21.04 1.18
C PHE A 312 3.80 -21.02 0.04
N PHE A 313 4.39 -19.88 -0.26
CA PHE A 313 5.17 -19.75 -1.51
C PHE A 313 6.53 -20.42 -1.35
N ILE A 314 7.11 -20.41 -0.15
CA ILE A 314 8.41 -21.08 0.10
C ILE A 314 8.22 -22.59 -0.01
N THR A 315 7.18 -23.13 0.60
CA THR A 315 6.88 -24.59 0.58
C THR A 315 6.51 -25.04 -0.84
N ASN A 316 5.83 -24.19 -1.59
CA ASN A 316 5.39 -24.50 -2.98
C ASN A 316 6.62 -24.63 -3.87
N ILE A 317 7.61 -23.80 -3.64
CA ILE A 317 8.90 -23.91 -4.36
C ILE A 317 9.66 -25.15 -3.86
N MET A 318 9.64 -25.45 -2.55
CA MET A 318 10.36 -26.61 -1.98
C MET A 318 9.77 -27.94 -2.46
N ALA A 319 8.48 -28.00 -2.72
CA ALA A 319 7.83 -29.17 -3.35
C ALA A 319 8.46 -29.43 -4.73
N VAL A 320 8.71 -28.36 -5.47
CA VAL A 320 9.23 -28.46 -6.85
C VAL A 320 10.73 -28.74 -6.78
N ILE A 321 11.43 -28.30 -5.72
CA ILE A 321 12.89 -28.57 -5.60
C ILE A 321 13.10 -30.02 -5.16
N CYS A 322 12.74 -30.39 -3.93
CA CYS A 322 12.85 -31.79 -3.47
C CYS A 322 11.57 -32.53 -3.84
N LYS A 323 11.35 -32.77 -5.12
CA LYS A 323 10.09 -33.40 -5.58
C LYS A 323 10.02 -34.83 -5.03
N GLU A 324 11.12 -35.56 -5.13
CA GLU A 324 11.16 -37.01 -4.80
C GLU A 324 11.67 -37.20 -3.37
N SER A 325 12.71 -36.46 -2.96
CA SER A 325 13.35 -36.62 -1.64
C SER A 325 12.33 -36.36 -0.51
N CYS A 326 11.48 -35.33 -0.62
CA CYS A 326 10.62 -34.87 0.51
C CYS A 326 9.30 -35.66 0.56
N ASN A 327 8.66 -35.65 1.74
CA ASN A 327 7.34 -36.32 1.92
C ASN A 327 6.24 -35.47 1.24
N GLU A 328 5.94 -35.78 -0.02
CA GLU A 328 4.87 -35.14 -0.82
C GLU A 328 3.53 -35.15 -0.06
N ASP A 329 3.28 -36.07 0.86
CA ASP A 329 2.02 -36.05 1.67
C ASP A 329 2.14 -35.07 2.84
N VAL A 330 3.35 -34.85 3.38
CA VAL A 330 3.52 -33.80 4.42
C VAL A 330 3.46 -32.43 3.77
N ILE A 331 4.25 -32.24 2.71
CA ILE A 331 4.32 -30.98 1.93
C ILE A 331 2.91 -30.62 1.42
N GLY A 332 2.19 -31.59 0.88
CA GLY A 332 0.79 -31.40 0.48
C GLY A 332 -0.10 -31.07 1.67
N ALA A 333 0.21 -31.59 2.86
CA ALA A 333 -0.60 -31.27 4.06
C ALA A 333 -0.19 -29.91 4.61
N LEU A 334 1.04 -29.49 4.40
CA LEU A 334 1.44 -28.15 4.88
C LEU A 334 0.88 -27.08 3.95
N LEU A 335 0.87 -27.31 2.64
CA LEU A 335 0.29 -26.34 1.67
C LEU A 335 -1.20 -26.14 1.99
N ASN A 336 -1.92 -27.20 2.38
CA ASN A 336 -3.36 -27.10 2.72
C ASN A 336 -3.56 -26.22 3.94
N VAL A 337 -2.58 -26.20 4.85
CA VAL A 337 -2.61 -25.31 6.04
C VAL A 337 -2.30 -23.90 5.58
N PHE A 338 -1.21 -23.76 4.84
CA PHE A 338 -0.55 -22.47 4.62
C PHE A 338 -1.27 -21.63 3.59
N VAL A 339 -2.11 -22.23 2.78
CA VAL A 339 -2.95 -21.45 1.83
C VAL A 339 -3.99 -20.65 2.63
N TRP A 340 -4.45 -21.17 3.78
CA TRP A 340 -5.47 -20.47 4.61
C TRP A 340 -4.86 -19.41 5.50
N ILE A 341 -3.59 -19.54 5.87
CA ILE A 341 -2.87 -18.42 6.53
C ILE A 341 -2.80 -17.29 5.51
N GLY A 342 -2.52 -17.61 4.27
CA GLY A 342 -2.49 -16.58 3.24
C GLY A 342 -3.87 -16.03 2.94
N TYR A 343 -4.91 -16.86 2.96
CA TYR A 343 -6.29 -16.39 2.74
C TYR A 343 -6.70 -15.43 3.86
N LEU A 344 -6.21 -15.66 5.09
CA LEU A 344 -6.47 -14.85 6.30
C LEU A 344 -5.96 -13.41 6.10
N ASN A 345 -5.04 -13.17 5.18
CA ASN A 345 -4.57 -11.81 4.86
C ASN A 345 -5.69 -10.96 4.30
N SER A 346 -6.64 -11.60 3.63
CA SER A 346 -7.78 -10.87 3.04
C SER A 346 -8.71 -10.31 4.13
N ALA A 347 -8.65 -10.84 5.36
CA ALA A 347 -9.42 -10.27 6.48
C ALA A 347 -8.67 -9.11 7.16
N VAL A 348 -7.38 -8.88 6.87
CA VAL A 348 -6.60 -8.08 7.85
C VAL A 348 -6.49 -6.62 7.43
N ASN A 349 -6.44 -6.31 6.13
CA ASN A 349 -6.38 -4.91 5.68
C ASN A 349 -7.49 -4.07 6.27
N PRO A 350 -8.79 -4.50 6.30
CA PRO A 350 -9.79 -3.66 6.98
C PRO A 350 -9.55 -3.45 8.47
N LEU A 351 -8.95 -4.42 9.15
CA LEU A 351 -8.62 -4.24 10.58
C LEU A 351 -7.47 -3.21 10.74
N VAL A 352 -6.49 -3.22 9.83
CA VAL A 352 -5.32 -2.30 9.88
C VAL A 352 -5.83 -0.87 9.75
N TYR A 353 -6.78 -0.69 8.86
CA TYR A 353 -7.31 0.66 8.57
C TYR A 353 -8.10 1.14 9.80
N THR A 354 -8.79 0.22 10.48
CA THR A 354 -9.58 0.54 11.68
C THR A 354 -8.63 1.01 12.77
N LEU A 355 -7.52 0.32 12.94
CA LEU A 355 -6.64 0.61 14.09
C LEU A 355 -5.89 1.91 13.85
N PHE A 356 -5.45 2.23 12.63
CA PHE A 356 -4.47 3.33 12.46
C PHE A 356 -5.03 4.54 11.71
N ASN A 357 -6.22 4.47 11.12
CA ASN A 357 -6.82 5.64 10.40
C ASN A 357 -8.18 5.97 11.02
N LYS A 358 -8.33 7.19 11.51
CA LYS A 358 -9.58 7.67 12.14
C LYS A 358 -10.72 7.62 11.12
N THR A 359 -10.46 8.03 9.88
CA THR A 359 -11.56 8.21 8.89
C THR A 359 -12.21 6.85 8.63
N TYR A 360 -11.42 5.80 8.49
CA TYR A 360 -11.96 4.44 8.28
C TYR A 360 -12.76 4.02 9.52
N ARG A 361 -12.19 4.23 10.72
CA ARG A 361 -12.83 3.75 11.96
C ARG A 361 -14.23 4.39 12.15
N SER A 362 -14.34 5.69 11.89
CA SER A 362 -15.58 6.48 11.95
C SER A 362 -16.55 6.00 10.89
N ALA A 363 -16.04 5.79 9.68
CA ALA A 363 -16.83 5.28 8.54
C ALA A 363 -17.42 3.92 8.93
N PHE A 364 -16.59 3.02 9.44
CA PHE A 364 -16.97 1.62 9.74
C PHE A 364 -18.02 1.62 10.84
N SER A 365 -17.84 2.49 11.81
CA SER A 365 -18.72 2.57 13.00
C SER A 365 -20.12 3.03 12.59
N ARG A 366 -20.20 4.00 11.68
CA ARG A 366 -21.51 4.50 11.19
C ARG A 366 -22.15 3.50 10.25
N TYR A 367 -21.40 2.73 9.49
CA TYR A 367 -22.00 1.83 8.49
C TYR A 367 -22.62 0.64 9.21
N ILE A 368 -22.01 0.26 10.33
CA ILE A 368 -22.52 -0.80 11.22
C ILE A 368 -23.83 -0.34 11.86
N GLN A 369 -23.98 0.98 12.11
CA GLN A 369 -25.25 1.55 12.68
C GLN A 369 -26.25 1.96 11.58
N CYS A 370 -26.04 1.54 10.33
CA CYS A 370 -26.86 1.86 9.14
C CYS A 370 -27.09 3.36 9.00
N GLN A 371 -26.05 4.13 9.22
CA GLN A 371 -26.06 5.58 8.99
C GLN A 371 -25.03 5.85 7.89
N TYR A 372 -25.53 6.11 6.68
CA TYR A 372 -24.74 6.16 5.44
C TYR A 372 -24.53 7.61 4.96
N LYS A 373 -24.90 8.60 5.78
CA LYS A 373 -24.64 10.04 5.47
C LYS A 373 -23.65 10.60 6.50
N GLU A 374 -22.91 11.63 6.13
CA GLU A 374 -21.67 11.98 6.86
C GLU A 374 -22.01 12.95 7.98
#